data_4FHA
#
_entry.id   4FHA
#
_cell.length_a   60.381
_cell.length_b   106.368
_cell.length_c   106.232
_cell.angle_alpha   90.000
_cell.angle_beta   90.000
_cell.angle_gamma   90.000
#
_symmetry.space_group_name_H-M   'P 2 21 21'
#
loop_
_entity.id
_entity.type
_entity.pdbx_description
1 polymer 'Dihydrodipicolinate synthase'
2 non-polymer LYSINE
3 non-polymer 'SODIUM ION'
4 water water
#
_entity_poly.entity_id   1
_entity_poly.type   'polypeptide(L)'
_entity_poly.pdbx_seq_one_letter_code
;MSYQDLKECKIITAFITPFHEDGSINFDAIPALIEHLLAHHTDGILLAGTTAESPTLTHDEELELFAAVQKVVNGRVPLI
AGVGTNDTRDSIEFVKEVAEFGGFAAGLAIVPYYNKPSQEGMYQHFKAIADASDLPIIIYNIPGRVVVELTPETMLRLAD
HPNIIGV(KPI)ECTSLANMAYLIEHKPEEFLIYTGEDGDAFHAMNLGADGVISVASHTNGDEMHEMFTAIAESDMKKAA
AIQRKFIPKVNALFSYPSPAPVKAILNYMGFEAGPTRLPLVPAPEEDVKRIIKVVVDGDYEATKATVTGVLRPDY
;
_entity_poly.pdbx_strand_id   A,B
#
loop_
_chem_comp.id
_chem_comp.type
_chem_comp.name
_chem_comp.formula
NA non-polymer 'SODIUM ION' 'Na 1'
#
# COMPACT_ATOMS: atom_id res chain seq x y z
N SER A 2 -17.01 -8.39 20.21
CA SER A 2 -17.47 -9.78 19.87
C SER A 2 -18.48 -9.78 18.73
N TYR A 3 -18.73 -10.98 18.19
CA TYR A 3 -19.76 -11.18 17.15
C TYR A 3 -21.12 -10.66 17.62
N GLN A 4 -21.47 -10.96 18.86
CA GLN A 4 -22.75 -10.55 19.44
C GLN A 4 -22.93 -9.03 19.48
N ASP A 5 -21.85 -8.30 19.76
CA ASP A 5 -21.87 -6.84 19.81
C ASP A 5 -22.25 -6.24 18.45
N LEU A 6 -21.72 -6.82 17.38
CA LEU A 6 -21.90 -6.30 16.02
C LEU A 6 -23.04 -6.96 15.25
N LYS A 7 -23.60 -8.02 15.82
CA LYS A 7 -24.60 -8.85 15.15
C LYS A 7 -25.72 -8.06 14.46
N GLU A 8 -26.29 -7.10 15.16
CA GLU A 8 -27.47 -6.38 14.67
C GLU A 8 -27.16 -5.10 13.88
N CYS A 9 -25.87 -4.81 13.70
CA CYS A 9 -25.45 -3.62 12.95
C CYS A 9 -25.82 -3.74 11.47
N LYS A 10 -26.29 -2.64 10.90
CA LYS A 10 -26.64 -2.59 9.47
C LYS A 10 -25.81 -1.54 8.75
N ILE A 11 -25.70 -0.36 9.36
CA ILE A 11 -24.92 0.74 8.78
C ILE A 11 -23.78 1.10 9.73
N ILE A 12 -22.59 0.64 9.39
CA ILE A 12 -21.38 0.96 10.14
C ILE A 12 -20.59 2.03 9.38
N THR A 13 -20.40 3.18 10.02
CA THR A 13 -19.70 4.29 9.39
C THR A 13 -18.20 4.19 9.61
N ALA A 14 -17.45 4.28 8.53
CA ALA A 14 -15.99 4.38 8.61
C ALA A 14 -15.65 5.86 8.80
N PHE A 15 -15.51 6.25 10.06
CA PHE A 15 -15.41 7.66 10.45
C PHE A 15 -14.17 8.34 9.90
N ILE A 16 -14.36 9.55 9.37
CA ILE A 16 -13.26 10.41 8.92
C ILE A 16 -12.41 10.87 10.12
N THR A 17 -11.21 11.35 9.84
CA THR A 17 -10.44 12.06 10.86
C THR A 17 -10.41 13.54 10.51
N PRO A 18 -11.11 14.38 11.30
CA PRO A 18 -11.03 15.81 11.05
C PRO A 18 -9.64 16.37 11.39
N PHE A 19 -9.07 17.15 10.48
CA PHE A 19 -7.77 17.78 10.70
C PHE A 19 -7.90 19.29 10.77
N HIS A 20 -7.14 19.89 11.68
CA HIS A 20 -6.92 21.35 11.68
C HIS A 20 -6.17 21.76 10.44
N GLU A 21 -6.20 23.05 10.14
CA GLU A 21 -5.50 23.59 8.98
C GLU A 21 -3.98 23.43 9.06
N ASP A 22 -3.47 23.22 10.27
CA ASP A 22 -2.03 23.04 10.51
C ASP A 22 -1.57 21.58 10.38
N GLY A 23 -2.53 20.66 10.29
CA GLY A 23 -2.25 19.24 10.05
C GLY A 23 -2.50 18.35 11.24
N SER A 24 -2.59 18.94 12.43
CA SER A 24 -2.92 18.19 13.63
C SER A 24 -4.37 17.73 13.58
N ILE A 25 -4.71 16.73 14.38
CA ILE A 25 -6.07 16.23 14.46
C ILE A 25 -6.96 17.26 15.16
N ASN A 26 -8.13 17.51 14.57
CA ASN A 26 -9.12 18.37 15.20
C ASN A 26 -10.02 17.56 16.11
N PHE A 27 -9.61 17.41 17.36
CA PHE A 27 -10.40 16.68 18.35
C PHE A 27 -11.68 17.42 18.74
N ASP A 28 -11.65 18.75 18.61
CA ASP A 28 -12.81 19.59 18.92
C ASP A 28 -14.03 19.25 18.05
N ALA A 29 -13.79 18.94 16.78
CA ALA A 29 -14.85 18.66 15.81
C ALA A 29 -15.46 17.25 15.92
N ILE A 30 -14.81 16.36 16.68
CA ILE A 30 -15.27 14.98 16.81
C ILE A 30 -16.66 14.83 17.47
N PRO A 31 -16.89 15.45 18.64
CA PRO A 31 -18.19 15.31 19.31
C PRO A 31 -19.40 15.65 18.43
N ALA A 32 -19.30 16.72 17.64
CA ALA A 32 -20.41 17.14 16.77
C ALA A 32 -20.63 16.18 15.60
N LEU A 33 -19.53 15.67 15.05
CA LEU A 33 -19.59 14.72 13.94
C LEU A 33 -20.17 13.36 14.35
N ILE A 34 -19.79 12.89 15.54
CA ILE A 34 -20.28 11.62 16.08
C ILE A 34 -21.79 11.70 16.32
N GLU A 35 -22.24 12.73 17.03
CA GLU A 35 -23.66 12.93 17.30
C GLU A 35 -24.49 12.99 16.01
N HIS A 36 -23.92 13.62 14.99
CA HIS A 36 -24.54 13.68 13.66
C HIS A 36 -24.76 12.31 13.08
N LEU A 37 -23.74 11.45 13.18
CA LEU A 37 -23.84 10.08 12.66
C LEU A 37 -24.91 9.28 13.42
N LEU A 38 -24.92 9.42 14.74
CA LEU A 38 -25.86 8.70 15.59
C LEU A 38 -27.29 9.18 15.46
N ALA A 39 -27.46 10.40 14.96
CA ALA A 39 -28.79 10.95 14.71
C ALA A 39 -29.25 10.65 13.29
N HIS A 40 -28.39 10.02 12.50
CA HIS A 40 -28.70 9.67 11.11
C HIS A 40 -28.45 8.22 10.79
N HIS A 41 -28.76 7.35 11.76
CA HIS A 41 -28.83 5.89 11.55
C HIS A 41 -27.51 5.18 11.37
N THR A 42 -26.45 5.73 11.96
CA THR A 42 -25.22 4.99 12.15
C THR A 42 -25.39 4.12 13.39
N ASP A 43 -25.29 2.81 13.23
CA ASP A 43 -25.48 1.86 14.34
C ASP A 43 -24.19 1.16 14.76
N GLY A 44 -23.07 1.66 14.24
CA GLY A 44 -21.74 1.12 14.54
C GLY A 44 -20.71 2.02 13.88
N ILE A 45 -19.54 2.15 14.50
CA ILE A 45 -18.52 3.03 13.94
C ILE A 45 -17.18 2.32 13.81
N LEU A 46 -16.61 2.37 12.60
CA LEU A 46 -15.25 1.91 12.35
C LEU A 46 -14.30 3.09 12.47
N LEU A 47 -13.30 2.96 13.34
CA LEU A 47 -12.29 4.00 13.51
C LEU A 47 -10.96 3.57 12.89
N ALA A 48 -10.24 4.56 12.37
CA ALA A 48 -8.92 4.35 11.72
C ALA A 48 -8.98 3.40 10.52
N GLY A 49 -10.00 3.57 9.69
CA GLY A 49 -10.10 2.84 8.42
C GLY A 49 -9.51 3.67 7.30
N THR A 50 -9.74 3.25 6.06
CA THR A 50 -9.26 3.98 4.89
C THR A 50 -9.80 5.42 4.88
N THR A 51 -11.09 5.55 5.19
CA THR A 51 -11.77 6.85 5.18
CA THR A 51 -11.78 6.84 5.17
C THR A 51 -11.22 7.79 6.25
N ALA A 52 -10.66 7.21 7.31
CA ALA A 52 -10.05 7.98 8.39
C ALA A 52 -8.67 8.52 8.02
N GLU A 53 -8.18 8.16 6.83
CA GLU A 53 -6.83 8.49 6.38
C GLU A 53 -5.79 7.87 7.31
N SER A 54 -6.06 6.63 7.73
CA SER A 54 -5.19 5.92 8.67
C SER A 54 -3.73 5.79 8.22
N PRO A 55 -3.46 5.62 6.90
CA PRO A 55 -2.05 5.53 6.51
C PRO A 55 -1.22 6.78 6.82
N THR A 56 -1.89 7.91 7.07
CA THR A 56 -1.18 9.15 7.41
C THR A 56 -1.27 9.46 8.91
N LEU A 57 -1.90 8.56 9.65
CA LEU A 57 -1.94 8.67 11.11
C LEU A 57 -0.92 7.72 11.73
N THR A 58 -0.28 8.17 12.82
CA THR A 58 0.59 7.29 13.60
C THR A 58 -0.29 6.40 14.48
N HIS A 59 0.26 5.27 14.93
CA HIS A 59 -0.44 4.39 15.86
C HIS A 59 -0.84 5.10 17.13
N ASP A 60 0.04 5.98 17.60
CA ASP A 60 -0.22 6.80 18.78
C ASP A 60 -1.38 7.78 18.60
N GLU A 61 -1.47 8.37 17.41
CA GLU A 61 -2.59 9.26 17.06
C GLU A 61 -3.91 8.51 17.00
N GLU A 62 -3.86 7.27 16.50
CA GLU A 62 -5.04 6.43 16.43
C GLU A 62 -5.56 6.08 17.82
N LEU A 63 -4.66 5.81 18.76
CA LEU A 63 -5.04 5.59 20.16
C LEU A 63 -5.69 6.83 20.76
N GLU A 64 -5.20 8.01 20.38
CA GLU A 64 -5.78 9.27 20.83
C GLU A 64 -7.17 9.48 20.25
N LEU A 65 -7.35 9.08 18.99
CA LEU A 65 -8.68 9.12 18.35
C LEU A 65 -9.64 8.15 19.03
N PHE A 66 -9.17 6.93 19.30
CA PHE A 66 -9.97 5.89 19.96
C PHE A 66 -10.49 6.38 21.31
N ALA A 67 -9.63 7.09 22.05
CA ALA A 67 -10.01 7.66 23.34
C ALA A 67 -11.11 8.72 23.18
N ALA A 68 -10.88 9.67 22.28
CA ALA A 68 -11.81 10.78 22.07
C ALA A 68 -13.20 10.33 21.61
N VAL A 69 -13.23 9.32 20.74
CA VAL A 69 -14.49 8.79 20.21
C VAL A 69 -15.26 7.99 21.27
N GLN A 70 -14.53 7.17 22.04
CA GLN A 70 -15.15 6.38 23.12
C GLN A 70 -15.77 7.26 24.20
N LYS A 71 -15.14 8.40 24.47
CA LYS A 71 -15.67 9.35 25.44
C LYS A 71 -17.01 9.93 24.98
N VAL A 72 -17.10 10.27 23.69
CA VAL A 72 -18.33 10.83 23.11
C VAL A 72 -19.41 9.76 22.92
N VAL A 73 -19.06 8.66 22.25
CA VAL A 73 -20.00 7.56 21.97
C VAL A 73 -20.60 7.02 23.26
N ASN A 74 -19.76 6.75 24.25
CA ASN A 74 -20.19 6.32 25.58
C ASN A 74 -20.95 5.00 25.54
N GLY A 75 -20.50 4.09 24.69
CA GLY A 75 -21.07 2.75 24.58
C GLY A 75 -22.42 2.65 23.90
N ARG A 76 -22.88 3.74 23.29
CA ARG A 76 -24.18 3.76 22.61
C ARG A 76 -24.22 2.82 21.40
N VAL A 77 -23.15 2.83 20.61
CA VAL A 77 -22.98 1.90 19.50
C VAL A 77 -21.65 1.16 19.61
N PRO A 78 -21.57 -0.07 19.07
CA PRO A 78 -20.28 -0.78 19.08
C PRO A 78 -19.26 -0.15 18.16
N LEU A 79 -17.98 -0.27 18.51
CA LEU A 79 -16.90 0.35 17.76
C LEU A 79 -15.91 -0.69 17.22
N ILE A 80 -15.44 -0.45 15.99
CA ILE A 80 -14.42 -1.30 15.38
C ILE A 80 -13.15 -0.48 15.18
N ALA A 81 -12.02 -1.02 15.64
CA ALA A 81 -10.72 -0.33 15.51
C ALA A 81 -9.91 -0.85 14.34
N GLY A 82 -9.43 0.07 13.50
CA GLY A 82 -8.51 -0.28 12.43
C GLY A 82 -7.15 -0.58 13.04
N VAL A 83 -6.70 -1.83 12.90
CA VAL A 83 -5.47 -2.30 13.57
C VAL A 83 -4.40 -2.81 12.60
N GLY A 84 -4.80 -3.17 11.39
CA GLY A 84 -3.91 -3.85 10.45
C GLY A 84 -3.13 -2.96 9.50
N THR A 85 -1.85 -3.27 9.33
CA THR A 85 -1.04 -2.65 8.28
C THR A 85 -0.50 -3.76 7.38
N ASN A 86 0.38 -3.40 6.45
CA ASN A 86 1.03 -4.39 5.58
C ASN A 86 2.24 -5.07 6.21
N ASP A 87 2.39 -4.85 7.52
CA ASP A 87 3.49 -5.39 8.29
C ASP A 87 2.91 -6.21 9.44
N THR A 88 3.05 -7.52 9.35
CA THR A 88 2.43 -8.44 10.32
C THR A 88 2.84 -8.15 11.77
N ARG A 89 4.15 -7.95 11.99
CA ARG A 89 4.65 -7.63 13.33
C ARG A 89 4.06 -6.33 13.86
N ASP A 90 4.08 -5.28 13.05
CA ASP A 90 3.47 -4.00 13.40
C ASP A 90 1.99 -4.21 13.78
N SER A 91 1.29 -5.02 12.99
CA SER A 91 -0.12 -5.31 13.20
C SER A 91 -0.39 -6.08 14.49
N ILE A 92 0.48 -7.03 14.81
CA ILE A 92 0.41 -7.79 16.06
C ILE A 92 0.58 -6.88 17.27
N GLU A 93 1.63 -6.04 17.24
CA GLU A 93 1.90 -5.14 18.35
C GLU A 93 0.77 -4.14 18.58
N PHE A 94 0.21 -3.61 17.50
CA PHE A 94 -0.88 -2.63 17.65
C PHE A 94 -2.19 -3.24 18.14
N VAL A 95 -2.55 -4.41 17.61
CA VAL A 95 -3.78 -5.09 18.04
C VAL A 95 -3.73 -5.48 19.52
N LYS A 96 -2.53 -5.79 20.01
CA LYS A 96 -2.30 -6.04 21.43
C LYS A 96 -2.48 -4.77 22.26
N GLU A 97 -1.98 -3.64 21.74
CA GLU A 97 -2.21 -2.34 22.37
C GLU A 97 -3.69 -1.99 22.42
N VAL A 98 -4.39 -2.21 21.30
CA VAL A 98 -5.81 -1.88 21.20
C VAL A 98 -6.65 -2.76 22.13
N ALA A 99 -6.35 -4.06 22.16
CA ALA A 99 -7.03 -4.99 23.07
C ALA A 99 -6.89 -4.55 24.52
N GLU A 100 -5.68 -4.14 24.89
CA GLU A 100 -5.40 -3.65 26.25
C GLU A 100 -6.13 -2.33 26.53
N PHE A 101 -6.16 -1.46 25.51
CA PHE A 101 -6.93 -0.21 25.59
C PHE A 101 -8.41 -0.52 25.87
N GLY A 102 -8.95 -1.49 25.14
CA GLY A 102 -10.30 -2.00 25.38
C GLY A 102 -11.39 -1.16 24.77
N GLY A 103 -12.64 -1.59 24.95
CA GLY A 103 -13.81 -0.84 24.52
C GLY A 103 -14.18 -1.00 23.05
N PHE A 104 -13.52 -1.95 22.38
CA PHE A 104 -13.82 -2.22 20.97
C PHE A 104 -14.49 -3.57 20.77
N ALA A 105 -15.43 -3.61 19.83
CA ALA A 105 -16.15 -4.84 19.50
C ALA A 105 -15.28 -5.73 18.62
N ALA A 106 -14.46 -5.12 17.77
CA ALA A 106 -13.57 -5.86 16.86
C ALA A 106 -12.42 -5.01 16.35
N GLY A 107 -11.46 -5.67 15.71
CA GLY A 107 -10.36 -5.01 15.01
C GLY A 107 -10.40 -5.31 13.53
N LEU A 108 -10.24 -4.28 12.70
CA LEU A 108 -10.21 -4.44 11.26
C LEU A 108 -8.77 -4.55 10.76
N ALA A 109 -8.50 -5.63 10.02
CA ALA A 109 -7.19 -5.86 9.41
C ALA A 109 -7.34 -6.00 7.90
N ILE A 110 -6.71 -5.08 7.18
CA ILE A 110 -6.74 -5.09 5.71
C ILE A 110 -5.80 -6.14 5.15
N VAL A 111 -6.13 -6.67 3.98
CA VAL A 111 -5.21 -7.49 3.19
C VAL A 111 -4.02 -6.60 2.84
N PRO A 112 -2.79 -7.06 3.16
CA PRO A 112 -1.58 -6.24 3.02
C PRO A 112 -1.40 -5.60 1.63
N TYR A 113 -1.10 -4.30 1.65
CA TYR A 113 -0.91 -3.49 0.45
C TYR A 113 0.56 -3.39 0.06
N TYR A 114 0.80 -3.07 -1.21
CA TYR A 114 2.16 -2.85 -1.75
C TYR A 114 2.99 -4.13 -1.93
N ASN A 115 3.18 -4.91 -0.86
CA ASN A 115 4.02 -6.12 -0.95
C ASN A 115 3.39 -7.34 -1.63
N LYS A 116 2.08 -7.27 -1.89
CA LYS A 116 1.35 -8.26 -2.69
C LYS A 116 1.58 -9.72 -2.29
N PRO A 117 1.22 -10.09 -1.04
CA PRO A 117 1.45 -11.44 -0.54
C PRO A 117 0.61 -12.49 -1.25
N SER A 118 1.05 -13.74 -1.18
CA SER A 118 0.30 -14.88 -1.72
C SER A 118 -0.82 -15.25 -0.76
N GLN A 119 -1.68 -16.16 -1.18
CA GLN A 119 -2.78 -16.64 -0.34
C GLN A 119 -2.25 -17.18 1.00
N GLU A 120 -1.16 -17.96 0.94
CA GLU A 120 -0.53 -18.49 2.14
C GLU A 120 0.07 -17.39 3.00
N GLY A 121 0.60 -16.35 2.35
CA GLY A 121 1.09 -15.17 3.07
C GLY A 121 -0.04 -14.51 3.83
N MET A 122 -1.13 -14.21 3.13
CA MET A 122 -2.33 -13.63 3.73
C MET A 122 -2.83 -14.47 4.91
N TYR A 123 -2.91 -15.79 4.71
CA TYR A 123 -3.41 -16.69 5.74
C TYR A 123 -2.59 -16.57 7.03
N GLN A 124 -1.27 -16.67 6.91
CA GLN A 124 -0.38 -16.57 8.07
C GLN A 124 -0.43 -15.17 8.69
N HIS A 125 -0.54 -14.15 7.83
CA HIS A 125 -0.71 -12.77 8.28
C HIS A 125 -1.89 -12.62 9.19
N PHE A 126 -3.07 -13.02 8.70
CA PHE A 126 -4.30 -12.90 9.47
C PHE A 126 -4.37 -13.83 10.67
N LYS A 127 -3.80 -15.03 10.53
CA LYS A 127 -3.77 -15.98 11.64
C LYS A 127 -2.95 -15.42 12.80
N ALA A 128 -1.80 -14.81 12.49
CA ALA A 128 -0.95 -14.21 13.51
C ALA A 128 -1.64 -13.06 14.25
N ILE A 129 -2.39 -12.24 13.52
CA ILE A 129 -3.14 -11.13 14.10
C ILE A 129 -4.31 -11.63 14.95
N ALA A 130 -4.99 -12.67 14.47
CA ALA A 130 -6.08 -13.29 15.23
C ALA A 130 -5.59 -14.04 16.47
N ASP A 131 -4.36 -14.54 16.42
CA ASP A 131 -3.74 -15.26 17.55
C ASP A 131 -3.22 -14.29 18.61
N ALA A 132 -3.00 -13.04 18.20
CA ALA A 132 -2.28 -12.05 18.99
C ALA A 132 -2.97 -11.52 20.26
N SER A 133 -4.30 -11.43 20.25
CA SER A 133 -5.00 -10.79 21.37
C SER A 133 -6.44 -11.26 21.60
N ASP A 134 -7.09 -10.63 22.58
CA ASP A 134 -8.50 -10.84 22.92
C ASP A 134 -9.47 -10.27 21.89
N LEU A 135 -9.01 -9.30 21.11
CA LEU A 135 -9.86 -8.59 20.15
C LEU A 135 -10.11 -9.42 18.87
N PRO A 136 -11.40 -9.75 18.60
CA PRO A 136 -11.73 -10.51 17.38
C PRO A 136 -11.49 -9.68 16.11
N ILE A 137 -11.22 -10.35 15.00
CA ILE A 137 -10.78 -9.67 13.79
C ILE A 137 -11.79 -9.75 12.65
N ILE A 138 -12.02 -8.61 12.00
CA ILE A 138 -12.77 -8.57 10.74
C ILE A 138 -11.78 -8.31 9.60
N ILE A 139 -11.77 -9.20 8.62
CA ILE A 139 -10.87 -9.09 7.49
C ILE A 139 -11.39 -8.06 6.49
N TYR A 140 -10.48 -7.27 5.92
CA TYR A 140 -10.83 -6.22 4.98
C TYR A 140 -10.22 -6.53 3.62
N ASN A 141 -11.08 -6.97 2.71
CA ASN A 141 -10.68 -7.48 1.39
C ASN A 141 -11.05 -6.48 0.30
N ILE A 142 -10.04 -5.79 -0.24
CA ILE A 142 -10.26 -4.71 -1.21
C ILE A 142 -9.13 -4.61 -2.28
N PRO A 143 -9.21 -5.46 -3.33
CA PRO A 143 -8.22 -5.46 -4.40
C PRO A 143 -8.13 -4.12 -5.14
N GLY A 144 -9.18 -3.33 -5.07
CA GLY A 144 -9.20 -1.99 -5.67
C GLY A 144 -8.20 -1.03 -5.05
N ARG A 145 -7.76 -1.34 -3.83
CA ARG A 145 -6.75 -0.53 -3.15
C ARG A 145 -5.43 -1.26 -2.93
N VAL A 146 -5.50 -2.59 -2.80
CA VAL A 146 -4.31 -3.38 -2.45
C VAL A 146 -3.84 -4.36 -3.54
N VAL A 147 -4.44 -4.26 -4.72
CA VAL A 147 -4.12 -5.09 -5.90
C VAL A 147 -4.53 -6.56 -5.71
N VAL A 148 -3.94 -7.21 -4.72
CA VAL A 148 -4.23 -8.62 -4.45
C VAL A 148 -5.54 -8.79 -3.67
N GLU A 149 -6.05 -10.00 -3.63
CA GLU A 149 -7.27 -10.29 -2.89
C GLU A 149 -7.31 -11.71 -2.33
N LEU A 150 -7.91 -11.84 -1.16
CA LEU A 150 -8.22 -13.14 -0.59
C LEU A 150 -9.29 -13.82 -1.43
N THR A 151 -8.99 -15.03 -1.88
CA THR A 151 -9.99 -15.90 -2.51
C THR A 151 -11.03 -16.30 -1.46
N PRO A 152 -12.28 -16.60 -1.89
CA PRO A 152 -13.28 -17.07 -0.94
C PRO A 152 -12.85 -18.31 -0.14
N GLU A 153 -12.05 -19.18 -0.77
CA GLU A 153 -11.52 -20.38 -0.11
C GLU A 153 -10.64 -20.04 1.08
N THR A 154 -9.63 -19.19 0.86
CA THR A 154 -8.74 -18.74 1.92
C THR A 154 -9.55 -17.94 2.96
N MET A 155 -10.48 -17.13 2.47
CA MET A 155 -11.36 -16.36 3.33
C MET A 155 -12.14 -17.26 4.30
N LEU A 156 -12.68 -18.36 3.78
CA LEU A 156 -13.47 -19.28 4.61
C LEU A 156 -12.61 -20.15 5.52
N ARG A 157 -11.37 -20.41 5.09
CA ARG A 157 -10.39 -21.04 5.97
C ARG A 157 -10.18 -20.19 7.21
N LEU A 158 -9.95 -18.89 7.00
CA LEU A 158 -9.74 -17.93 8.08
C LEU A 158 -10.99 -17.71 8.94
N ALA A 159 -12.16 -17.81 8.31
CA ALA A 159 -13.44 -17.70 9.01
C ALA A 159 -13.61 -18.76 10.11
N ASP A 160 -12.98 -19.92 9.92
CA ASP A 160 -13.04 -21.02 10.90
C ASP A 160 -12.24 -20.73 12.18
N HIS A 161 -11.38 -19.71 12.13
CA HIS A 161 -10.65 -19.23 13.31
C HIS A 161 -11.63 -18.61 14.27
N PRO A 162 -11.60 -19.04 15.55
CA PRO A 162 -12.54 -18.57 16.58
C PRO A 162 -12.42 -17.08 16.86
N ASN A 163 -11.30 -16.47 16.50
CA ASN A 163 -11.07 -15.05 16.73
C ASN A 163 -11.15 -14.22 15.45
N ILE A 164 -11.64 -14.82 14.38
CA ILE A 164 -12.01 -14.08 13.16
C ILE A 164 -13.53 -14.17 12.99
N ILE A 165 -14.19 -13.01 13.04
CA ILE A 165 -15.66 -12.96 13.14
C ILE A 165 -16.36 -12.23 12.00
N GLY A 166 -15.61 -11.80 10.99
CA GLY A 166 -16.22 -11.04 9.91
C GLY A 166 -15.33 -10.68 8.73
N VAL A 167 -15.95 -10.15 7.69
CA VAL A 167 -15.25 -9.64 6.52
C VAL A 167 -15.90 -8.34 6.03
N KPI A 168 -15.07 -7.42 5.55
CA KPI A 168 -15.52 -6.22 4.85
CB KPI A 168 -14.86 -4.99 5.46
CG KPI A 168 -15.34 -3.68 4.83
CD KPI A 168 -14.59 -2.48 5.40
CE KPI A 168 -14.86 -1.23 4.59
NZ KPI A 168 -13.92 -0.22 5.05
CX1 KPI A 168 -13.83 1.01 4.70
C1 KPI A 168 -14.79 1.57 3.69
CX2 KPI A 168 -12.77 1.84 5.30
O1 KPI A 168 -11.91 1.31 6.05
O2 KPI A 168 -12.74 3.06 5.05
C KPI A 168 -15.13 -6.46 3.43
O KPI A 168 -14.00 -6.20 3.02
N GLU A 169 -16.08 -7.00 2.66
CA GLU A 169 -15.82 -7.47 1.30
C GLU A 169 -16.03 -6.38 0.24
N CYS A 170 -14.99 -6.14 -0.54
CA CYS A 170 -15.04 -5.21 -1.66
C CYS A 170 -14.50 -5.90 -2.91
N THR A 171 -15.21 -6.92 -3.38
CA THR A 171 -14.82 -7.60 -4.62
C THR A 171 -15.98 -7.58 -5.62
N SER A 172 -16.76 -8.65 -5.64
CA SER A 172 -17.92 -8.75 -6.52
C SER A 172 -19.11 -9.36 -5.77
N LEU A 173 -20.31 -9.20 -6.32
CA LEU A 173 -21.52 -9.78 -5.74
C LEU A 173 -21.54 -11.31 -5.86
N ALA A 174 -20.87 -11.84 -6.88
CA ALA A 174 -20.68 -13.28 -7.03
C ALA A 174 -19.90 -13.87 -5.85
N ASN A 175 -18.82 -13.19 -5.45
CA ASN A 175 -18.05 -13.60 -4.28
C ASN A 175 -18.84 -13.47 -2.99
N MET A 176 -19.58 -12.36 -2.88
CA MET A 176 -20.43 -12.10 -1.71
C MET A 176 -21.42 -13.24 -1.50
N ALA A 177 -22.09 -13.65 -2.59
CA ALA A 177 -23.08 -14.71 -2.54
C ALA A 177 -22.48 -16.03 -2.05
N TYR A 178 -21.31 -16.37 -2.57
CA TYR A 178 -20.60 -17.59 -2.19
C TYR A 178 -20.28 -17.58 -0.70
N LEU A 179 -19.72 -16.45 -0.24
CA LEU A 179 -19.39 -16.27 1.17
C LEU A 179 -20.61 -16.37 2.08
N ILE A 180 -21.70 -15.71 1.70
CA ILE A 180 -22.95 -15.76 2.48
C ILE A 180 -23.46 -17.20 2.55
N GLU A 181 -23.38 -17.90 1.43
CA GLU A 181 -23.84 -19.29 1.33
C GLU A 181 -23.05 -20.22 2.27
N HIS A 182 -21.74 -20.08 2.29
CA HIS A 182 -20.86 -21.03 2.97
C HIS A 182 -20.25 -20.53 4.25
N LYS A 183 -20.76 -19.42 4.77
CA LYS A 183 -20.25 -18.84 6.02
C LYS A 183 -20.40 -19.82 7.20
N PRO A 184 -19.40 -19.84 8.11
CA PRO A 184 -19.62 -20.59 9.34
C PRO A 184 -20.51 -19.77 10.28
N GLU A 185 -20.83 -20.33 11.44
CA GLU A 185 -21.51 -19.58 12.49
C GLU A 185 -20.60 -18.48 13.03
N GLU A 186 -21.19 -17.46 13.65
CA GLU A 186 -20.46 -16.38 14.32
C GLU A 186 -19.58 -15.57 13.35
N PHE A 187 -20.03 -15.42 12.10
CA PHE A 187 -19.24 -14.73 11.09
C PHE A 187 -20.08 -13.74 10.29
N LEU A 188 -19.68 -12.46 10.36
CA LEU A 188 -20.43 -11.38 9.72
C LEU A 188 -19.88 -11.03 8.34
N ILE A 189 -20.80 -10.84 7.39
CA ILE A 189 -20.41 -10.46 6.03
C ILE A 189 -20.89 -9.04 5.72
N TYR A 190 -19.94 -8.13 5.59
CA TYR A 190 -20.23 -6.73 5.28
C TYR A 190 -19.76 -6.41 3.88
N THR A 191 -20.50 -5.54 3.20
CA THR A 191 -19.98 -4.92 2.00
C THR A 191 -19.31 -3.62 2.39
N GLY A 192 -18.17 -3.33 1.77
CA GLY A 192 -17.49 -2.05 1.97
C GLY A 192 -17.76 -1.09 0.83
N GLU A 193 -18.70 -1.45 -0.03
CA GLU A 193 -19.05 -0.63 -1.19
C GLU A 193 -20.49 -0.15 -1.11
N ASP A 194 -20.64 1.16 -0.93
CA ASP A 194 -21.94 1.81 -0.77
C ASP A 194 -22.91 1.54 -1.94
N GLY A 195 -22.38 1.53 -3.16
CA GLY A 195 -23.18 1.27 -4.36
C GLY A 195 -23.71 -0.14 -4.47
N ASP A 196 -23.09 -1.07 -3.74
CA ASP A 196 -23.50 -2.48 -3.72
C ASP A 196 -24.40 -2.83 -2.54
N ALA A 197 -24.50 -1.92 -1.57
CA ALA A 197 -25.24 -2.17 -0.32
C ALA A 197 -26.65 -2.73 -0.54
N PHE A 198 -27.35 -2.18 -1.53
CA PHE A 198 -28.69 -2.64 -1.92
C PHE A 198 -28.68 -4.12 -2.32
N HIS A 199 -27.79 -4.48 -3.25
CA HIS A 199 -27.70 -5.84 -3.78
C HIS A 199 -27.16 -6.83 -2.77
N ALA A 200 -26.24 -6.36 -1.93
CA ALA A 200 -25.66 -7.17 -0.87
C ALA A 200 -26.69 -7.54 0.19
N MET A 201 -27.49 -6.56 0.60
CA MET A 201 -28.55 -6.81 1.59
C MET A 201 -29.59 -7.81 1.08
N ASN A 202 -29.99 -7.66 -0.18
CA ASN A 202 -30.91 -8.58 -0.83
C ASN A 202 -30.33 -10.00 -0.90
N LEU A 203 -29.02 -10.07 -1.12
CA LEU A 203 -28.28 -11.32 -1.23
C LEU A 203 -28.14 -12.03 0.12
N GLY A 204 -28.28 -11.28 1.20
CA GLY A 204 -28.22 -11.83 2.55
C GLY A 204 -27.06 -11.34 3.40
N ALA A 205 -26.41 -10.25 2.97
CA ALA A 205 -25.31 -9.67 3.74
C ALA A 205 -25.79 -9.07 5.06
N ASP A 206 -24.88 -8.94 6.01
CA ASP A 206 -25.21 -8.45 7.34
C ASP A 206 -25.28 -6.93 7.44
N GLY A 207 -24.67 -6.24 6.48
CA GLY A 207 -24.73 -4.79 6.44
C GLY A 207 -23.67 -4.14 5.59
N VAL A 208 -23.44 -2.86 5.85
CA VAL A 208 -22.47 -2.07 5.09
C VAL A 208 -21.55 -1.29 6.03
N ILE A 209 -20.25 -1.33 5.72
CA ILE A 209 -19.31 -0.39 6.32
C ILE A 209 -19.10 0.72 5.29
N SER A 210 -19.53 1.92 5.65
CA SER A 210 -19.89 2.94 4.68
C SER A 210 -19.10 4.25 4.80
N VAL A 211 -18.93 4.92 3.67
CA VAL A 211 -18.51 6.32 3.62
C VAL A 211 -19.76 7.20 3.53
N ALA A 212 -20.68 6.79 2.64
CA ALA A 212 -21.90 7.55 2.33
C ALA A 212 -22.80 7.84 3.53
N SER A 213 -22.71 7.02 4.58
CA SER A 213 -23.51 7.20 5.78
C SER A 213 -23.26 8.53 6.50
N HIS A 214 -22.08 9.11 6.27
CA HIS A 214 -21.75 10.45 6.77
C HIS A 214 -22.75 11.47 6.36
N THR A 215 -23.14 11.42 5.09
CA THR A 215 -23.90 12.48 4.45
C THR A 215 -25.30 12.03 3.97
N ASN A 216 -25.48 10.72 3.80
CA ASN A 216 -26.72 10.17 3.28
C ASN A 216 -27.27 9.02 4.12
N GLY A 217 -27.07 9.10 5.43
CA GLY A 217 -27.50 8.06 6.36
C GLY A 217 -29.01 7.78 6.35
N ASP A 218 -29.80 8.85 6.23
CA ASP A 218 -31.26 8.73 6.24
C ASP A 218 -31.80 7.88 5.09
N GLU A 219 -31.38 8.21 3.86
CA GLU A 219 -31.88 7.49 2.68
C GLU A 219 -31.34 6.06 2.58
N MET A 220 -30.17 5.82 3.17
CA MET A 220 -29.65 4.47 3.30
C MET A 220 -30.52 3.65 4.24
N HIS A 221 -30.94 4.29 5.34
CA HIS A 221 -31.83 3.65 6.32
C HIS A 221 -33.19 3.42 5.74
N GLU A 222 -33.67 4.37 4.95
CA GLU A 222 -34.95 4.23 4.25
C GLU A 222 -34.93 3.07 3.26
N MET A 223 -33.80 2.90 2.59
CA MET A 223 -33.60 1.81 1.63
C MET A 223 -33.53 0.45 2.33
N PHE A 224 -32.76 0.39 3.41
CA PHE A 224 -32.60 -0.84 4.20
C PHE A 224 -33.92 -1.26 4.85
N THR A 225 -34.62 -0.29 5.44
CA THR A 225 -35.94 -0.51 6.03
C THR A 225 -36.92 -1.08 5.00
N ALA A 226 -36.88 -0.52 3.79
CA ALA A 226 -37.71 -0.99 2.68
C ALA A 226 -37.37 -2.42 2.26
N ILE A 227 -36.09 -2.76 2.29
CA ILE A 227 -35.64 -4.13 2.05
C ILE A 227 -36.16 -5.06 3.15
N ALA A 228 -36.16 -4.57 4.39
CA ALA A 228 -36.61 -5.35 5.54
C ALA A 228 -38.13 -5.47 5.62
N GLU A 229 -38.85 -4.48 5.11
CA GLU A 229 -40.31 -4.47 5.14
C GLU A 229 -40.96 -4.96 3.84
N SER A 230 -40.14 -5.62 3.01
CA SER A 230 -40.58 -6.23 1.74
C SER A 230 -41.14 -5.25 0.71
N ASP A 231 -40.73 -3.98 0.82
CA ASP A 231 -41.09 -2.97 -0.17
C ASP A 231 -39.93 -2.77 -1.14
N MET A 232 -39.78 -3.73 -2.06
CA MET A 232 -38.65 -3.77 -2.97
C MET A 232 -38.65 -2.64 -4.00
N LYS A 233 -39.85 -2.21 -4.40
CA LYS A 233 -39.99 -1.11 -5.36
C LYS A 233 -39.48 0.21 -4.78
N LYS A 234 -39.75 0.45 -3.50
CA LYS A 234 -39.24 1.64 -2.83
C LYS A 234 -37.73 1.54 -2.66
N ALA A 235 -37.26 0.35 -2.29
CA ALA A 235 -35.84 0.08 -2.10
C ALA A 235 -35.06 0.33 -3.39
N ALA A 236 -35.56 -0.24 -4.49
CA ALA A 236 -34.94 -0.08 -5.81
C ALA A 236 -34.96 1.37 -6.29
N ALA A 237 -36.03 2.08 -5.98
CA ALA A 237 -36.14 3.49 -6.35
C ALA A 237 -35.05 4.33 -5.66
N ILE A 238 -34.86 4.11 -4.36
CA ILE A 238 -33.81 4.80 -3.61
C ILE A 238 -32.43 4.40 -4.14
N GLN A 239 -32.22 3.10 -4.39
CA GLN A 239 -30.97 2.61 -4.96
C GLN A 239 -30.57 3.29 -6.28
N ARG A 240 -31.51 3.35 -7.22
CA ARG A 240 -31.24 3.93 -8.53
C ARG A 240 -30.84 5.41 -8.44
N LYS A 241 -31.41 6.13 -7.48
CA LYS A 241 -31.03 7.52 -7.24
C LYS A 241 -29.78 7.64 -6.34
N PHE A 242 -29.47 6.57 -5.62
CA PHE A 242 -28.35 6.53 -4.68
C PHE A 242 -27.00 6.39 -5.37
N ILE A 243 -26.97 5.63 -6.46
CA ILE A 243 -25.74 5.33 -7.21
C ILE A 243 -24.95 6.56 -7.71
N PRO A 244 -25.63 7.54 -8.34
CA PRO A 244 -24.85 8.73 -8.75
C PRO A 244 -24.30 9.53 -7.56
N LYS A 245 -24.95 9.42 -6.41
CA LYS A 245 -24.46 10.07 -5.18
C LYS A 245 -23.20 9.38 -4.66
N VAL A 246 -23.20 8.05 -4.65
CA VAL A 246 -22.02 7.26 -4.30
C VAL A 246 -20.86 7.57 -5.25
N ASN A 247 -21.16 7.61 -6.55
CA ASN A 247 -20.18 7.95 -7.58
C ASN A 247 -19.52 9.31 -7.35
N ALA A 248 -20.31 10.30 -6.93
CA ALA A 248 -19.79 11.62 -6.63
C ALA A 248 -18.84 11.61 -5.43
N LEU A 249 -19.17 10.81 -4.42
CA LEU A 249 -18.35 10.68 -3.21
C LEU A 249 -16.96 10.08 -3.51
N PHE A 250 -16.82 9.43 -4.66
CA PHE A 250 -15.54 8.85 -5.06
C PHE A 250 -15.04 9.42 -6.38
N SER A 251 -15.58 10.57 -6.78
CA SER A 251 -15.19 11.24 -8.02
C SER A 251 -13.85 11.96 -7.85
N TYR A 252 -13.45 12.15 -6.60
CA TYR A 252 -12.09 12.54 -6.25
C TYR A 252 -11.63 11.60 -5.14
N PRO A 253 -10.32 11.30 -5.04
CA PRO A 253 -9.89 10.32 -4.04
C PRO A 253 -10.49 10.56 -2.66
N SER A 254 -11.20 9.55 -2.17
CA SER A 254 -11.84 9.60 -0.86
C SER A 254 -10.74 9.64 0.21
N PRO A 255 -10.95 10.37 1.32
CA PRO A 255 -12.19 11.04 1.73
C PRO A 255 -12.33 12.52 1.35
N ALA A 256 -11.65 12.96 0.29
CA ALA A 256 -11.74 14.37 -0.13
C ALA A 256 -13.19 14.84 -0.35
N PRO A 257 -13.98 14.12 -1.17
CA PRO A 257 -15.36 14.56 -1.44
C PRO A 257 -16.27 14.57 -0.22
N VAL A 258 -16.18 13.52 0.62
CA VAL A 258 -16.99 13.47 1.85
C VAL A 258 -16.61 14.57 2.84
N LYS A 259 -15.33 14.91 2.89
CA LYS A 259 -14.87 16.02 3.74
C LYS A 259 -15.38 17.35 3.25
N ALA A 260 -15.37 17.54 1.93
CA ALA A 260 -15.91 18.75 1.30
C ALA A 260 -17.36 18.99 1.68
N ILE A 261 -18.18 17.93 1.59
CA ILE A 261 -19.59 18.00 1.95
C ILE A 261 -19.77 18.31 3.44
N LEU A 262 -19.01 17.61 4.29
CA LEU A 262 -19.09 17.81 5.72
C LEU A 262 -18.66 19.22 6.15
N ASN A 263 -17.68 19.77 5.44
CA ASN A 263 -17.27 21.16 5.63
C ASN A 263 -18.39 22.14 5.25
N TYR A 264 -19.04 21.85 4.13
CA TYR A 264 -20.20 22.61 3.67
C TYR A 264 -21.35 22.53 4.69
N MET A 265 -21.54 21.36 5.29
CA MET A 265 -22.54 21.14 6.33
C MET A 265 -22.15 21.81 7.65
N GLY A 266 -20.89 22.24 7.75
CA GLY A 266 -20.40 23.00 8.90
C GLY A 266 -19.81 22.17 10.03
N PHE A 267 -19.18 21.05 9.69
CA PHE A 267 -18.62 20.15 10.70
C PHE A 267 -17.10 20.22 10.86
N GLU A 268 -16.47 21.13 10.13
CA GLU A 268 -15.00 21.31 10.20
C GLU A 268 -14.23 20.00 10.09
N ALA A 269 -14.54 19.23 9.05
CA ALA A 269 -13.77 18.03 8.72
C ALA A 269 -12.35 18.43 8.30
N GLY A 270 -12.23 19.66 7.80
CA GLY A 270 -10.96 20.23 7.41
C GLY A 270 -10.38 19.62 6.14
N PRO A 271 -9.09 19.85 5.90
CA PRO A 271 -8.41 19.30 4.72
C PRO A 271 -7.99 17.85 4.94
N THR A 272 -7.36 17.28 3.92
CA THR A 272 -6.77 15.95 4.01
C THR A 272 -5.26 16.08 4.23
N ARG A 273 -4.66 15.05 4.81
CA ARG A 273 -3.21 14.98 4.95
C ARG A 273 -2.58 14.45 3.67
N LEU A 274 -1.46 15.05 3.28
CA LEU A 274 -0.69 14.57 2.14
C LEU A 274 -0.30 13.10 2.34
N PRO A 275 -0.28 12.30 1.25
CA PRO A 275 -0.35 12.62 -0.17
C PRO A 275 -1.74 12.93 -0.74
N LEU A 276 -2.78 12.92 0.09
CA LEU A 276 -4.11 13.30 -0.38
C LEU A 276 -4.33 14.81 -0.29
N VAL A 277 -4.90 15.38 -1.34
CA VAL A 277 -5.26 16.81 -1.37
C VAL A 277 -6.78 16.96 -1.34
N PRO A 278 -7.28 18.09 -0.80
CA PRO A 278 -8.73 18.33 -0.85
C PRO A 278 -9.25 18.38 -2.29
N ALA A 279 -10.55 18.15 -2.46
CA ALA A 279 -11.19 18.19 -3.78
C ALA A 279 -11.08 19.59 -4.40
N PRO A 280 -10.88 19.67 -5.73
CA PRO A 280 -10.83 20.95 -6.44
C PRO A 280 -12.15 21.71 -6.34
N GLU A 281 -12.07 23.05 -6.34
CA GLU A 281 -13.25 23.91 -6.19
C GLU A 281 -14.37 23.61 -7.19
N GLU A 282 -14.00 23.32 -8.43
CA GLU A 282 -14.97 22.96 -9.48
C GLU A 282 -15.71 21.68 -9.12
N ASP A 283 -14.97 20.69 -8.64
CA ASP A 283 -15.55 19.40 -8.22
C ASP A 283 -16.44 19.57 -6.99
N VAL A 284 -16.00 20.38 -6.03
CA VAL A 284 -16.70 20.59 -4.76
C VAL A 284 -18.16 21.01 -4.96
N LYS A 285 -18.40 21.97 -5.86
CA LYS A 285 -19.76 22.44 -6.15
C LYS A 285 -20.62 21.34 -6.76
N ARG A 286 -20.05 20.63 -7.73
CA ARG A 286 -20.72 19.52 -8.41
C ARG A 286 -21.07 18.40 -7.42
N ILE A 287 -20.09 18.01 -6.61
CA ILE A 287 -20.25 16.95 -5.62
C ILE A 287 -21.36 17.23 -4.61
N ILE A 288 -21.35 18.43 -4.03
CA ILE A 288 -22.37 18.85 -3.06
C ILE A 288 -23.77 18.85 -3.69
N LYS A 289 -23.86 19.35 -4.92
CA LYS A 289 -25.11 19.36 -5.68
C LYS A 289 -25.66 17.95 -5.90
N VAL A 290 -24.78 17.02 -6.26
CA VAL A 290 -25.17 15.64 -6.56
C VAL A 290 -25.49 14.85 -5.28
N VAL A 291 -24.65 14.97 -4.27
CA VAL A 291 -24.78 14.16 -3.05
C VAL A 291 -25.88 14.63 -2.09
N VAL A 292 -25.88 15.92 -1.74
CA VAL A 292 -26.83 16.44 -0.76
C VAL A 292 -27.76 17.55 -1.28
N ASP A 293 -27.82 17.69 -2.61
CA ASP A 293 -28.65 18.72 -3.27
C ASP A 293 -28.45 20.10 -2.63
N GLY A 294 -27.18 20.48 -2.46
CA GLY A 294 -26.82 21.75 -1.83
C GLY A 294 -26.24 22.72 -2.82
N ASP A 295 -26.36 24.01 -2.51
CA ASP A 295 -25.81 25.07 -3.34
C ASP A 295 -24.56 25.65 -2.66
N TYR A 296 -23.41 25.38 -3.28
CA TYR A 296 -22.12 25.75 -2.71
C TYR A 296 -21.60 27.07 -3.27
N GLU A 297 -21.31 28.00 -2.36
CA GLU A 297 -20.69 29.28 -2.71
C GLU A 297 -19.19 29.24 -2.40
N ALA A 298 -18.38 29.47 -3.44
CA ALA A 298 -16.91 29.38 -3.34
C ALA A 298 -16.32 30.42 -2.39
N THR A 302 -6.00 26.62 -6.35
CA THR A 302 -5.07 25.61 -5.85
C THR A 302 -5.51 25.05 -4.50
N VAL A 303 -5.42 23.73 -4.34
CA VAL A 303 -5.74 23.06 -3.09
C VAL A 303 -4.45 22.74 -2.33
N THR A 304 -4.57 22.54 -1.02
CA THR A 304 -3.40 22.25 -0.18
C THR A 304 -3.61 21.05 0.72
N GLY A 305 -2.88 19.98 0.43
CA GLY A 305 -2.75 18.86 1.36
C GLY A 305 -1.88 19.31 2.52
N VAL A 306 -2.19 18.82 3.71
CA VAL A 306 -1.51 19.27 4.92
C VAL A 306 -0.67 18.15 5.55
N LEU A 307 0.22 18.51 6.48
CA LEU A 307 1.14 17.56 7.09
C LEU A 307 0.99 17.48 8.60
N ARG A 308 1.18 16.28 9.15
CA ARG A 308 1.27 16.07 10.60
C ARG A 308 2.42 16.94 11.11
N PRO A 309 2.18 17.71 12.20
CA PRO A 309 3.20 18.59 12.76
C PRO A 309 4.49 17.84 13.16
N ASP A 310 5.63 18.37 12.71
CA ASP A 310 6.94 17.83 13.10
C ASP A 310 7.44 18.45 14.41
N TYR A 311 6.50 18.78 15.29
CA TYR A 311 6.78 19.38 16.58
C TYR A 311 5.77 18.89 17.63
N SER B 2 24.07 12.43 -6.21
CA SER B 2 23.82 13.42 -7.30
C SER B 2 23.59 12.72 -8.62
N TYR B 3 23.11 13.46 -9.63
CA TYR B 3 22.93 12.95 -10.97
C TYR B 3 24.25 12.41 -11.53
N GLN B 4 25.33 13.15 -11.31
CA GLN B 4 26.66 12.78 -11.80
C GLN B 4 27.14 11.46 -11.21
N ASP B 5 26.81 11.22 -9.94
CA ASP B 5 27.14 9.96 -9.26
C ASP B 5 26.53 8.74 -9.95
N LEU B 6 25.30 8.89 -10.42
CA LEU B 6 24.52 7.78 -10.97
C LEU B 6 24.48 7.74 -12.49
N LYS B 7 25.01 8.78 -13.12
CA LYS B 7 24.95 8.97 -14.57
C LYS B 7 25.33 7.74 -15.41
N GLU B 8 26.40 7.07 -15.02
CA GLU B 8 26.94 5.96 -15.82
C GLU B 8 26.42 4.57 -15.41
N CYS B 9 25.57 4.52 -14.39
CA CYS B 9 24.99 3.26 -13.90
C CYS B 9 24.06 2.63 -14.94
N LYS B 10 24.25 1.33 -15.19
CA LYS B 10 23.44 0.59 -16.14
C LYS B 10 22.61 -0.46 -15.40
N ILE B 11 23.25 -1.17 -14.48
CA ILE B 11 22.60 -2.20 -13.70
C ILE B 11 22.63 -1.83 -12.22
N ILE B 12 21.52 -1.27 -11.75
CA ILE B 12 21.34 -0.96 -10.34
C ILE B 12 20.56 -2.13 -9.74
N THR B 13 21.13 -2.74 -8.70
CA THR B 13 20.49 -3.89 -8.06
C THR B 13 19.68 -3.44 -6.85
N ALA B 14 18.40 -3.83 -6.81
CA ALA B 14 17.56 -3.59 -5.66
C ALA B 14 17.82 -4.70 -4.65
N PHE B 15 18.72 -4.41 -3.71
CA PHE B 15 19.25 -5.39 -2.76
C PHE B 15 18.20 -6.01 -1.84
N ILE B 16 18.21 -7.33 -1.72
CA ILE B 16 17.37 -8.05 -0.74
C ILE B 16 17.85 -7.73 0.67
N THR B 17 17.01 -8.05 1.67
CA THR B 17 17.41 -7.99 3.06
C THR B 17 17.47 -9.40 3.63
N PRO B 18 18.70 -9.91 3.87
CA PRO B 18 18.83 -11.23 4.49
C PRO B 18 18.23 -11.25 5.89
N PHE B 19 17.44 -12.28 6.18
CA PHE B 19 16.87 -12.46 7.52
C PHE B 19 17.33 -13.78 8.14
N HIS B 20 17.53 -13.75 9.46
CA HIS B 20 17.73 -14.97 10.23
C HIS B 20 16.41 -15.68 10.37
N GLU B 21 16.48 -16.97 10.75
CA GLU B 21 15.28 -17.78 10.98
C GLU B 21 14.38 -17.19 12.07
N ASP B 22 14.98 -16.48 13.02
CA ASP B 22 14.22 -15.87 14.12
C ASP B 22 13.55 -14.54 13.73
N GLY B 23 13.84 -14.07 12.53
CA GLY B 23 13.19 -12.87 12.00
C GLY B 23 14.05 -11.61 11.96
N SER B 24 15.14 -11.61 12.72
CA SER B 24 16.07 -10.48 12.72
C SER B 24 16.86 -10.41 11.42
N ILE B 25 17.34 -9.22 11.08
CA ILE B 25 18.19 -9.04 9.90
C ILE B 25 19.49 -9.86 10.09
N ASN B 26 19.89 -10.56 9.03
CA ASN B 26 21.18 -11.24 9.03
C ASN B 26 22.24 -10.33 8.43
N PHE B 27 22.89 -9.55 9.30
CA PHE B 27 23.95 -8.64 8.87
C PHE B 27 25.20 -9.39 8.42
N ASP B 28 25.44 -10.57 9.03
CA ASP B 28 26.57 -11.42 8.69
C ASP B 28 26.56 -11.87 7.23
N ALA B 29 25.36 -11.98 6.64
CA ALA B 29 25.21 -12.42 5.26
C ALA B 29 25.45 -11.31 4.23
N ILE B 30 25.43 -10.06 4.68
CA ILE B 30 25.50 -8.89 3.79
C ILE B 30 26.81 -8.80 2.97
N PRO B 31 27.98 -8.90 3.64
CA PRO B 31 29.24 -8.77 2.88
C PRO B 31 29.38 -9.74 1.70
N ALA B 32 29.04 -11.00 1.89
CA ALA B 32 29.15 -12.00 0.82
C ALA B 32 28.25 -11.67 -0.36
N LEU B 33 27.02 -11.24 -0.06
CA LEU B 33 26.07 -10.88 -1.11
C LEU B 33 26.52 -9.65 -1.89
N ILE B 34 26.96 -8.60 -1.18
CA ILE B 34 27.46 -7.39 -1.83
C ILE B 34 28.63 -7.71 -2.77
N GLU B 35 29.58 -8.53 -2.30
CA GLU B 35 30.73 -8.89 -3.13
C GLU B 35 30.31 -9.68 -4.37
N HIS B 36 29.33 -10.57 -4.21
CA HIS B 36 28.74 -11.31 -5.33
C HIS B 36 28.16 -10.37 -6.36
N LEU B 37 27.42 -9.38 -5.91
CA LEU B 37 26.82 -8.39 -6.81
C LEU B 37 27.89 -7.60 -7.55
N LEU B 38 28.91 -7.14 -6.82
CA LEU B 38 29.99 -6.36 -7.41
C LEU B 38 30.85 -7.16 -8.37
N ALA B 39 30.92 -8.47 -8.15
CA ALA B 39 31.63 -9.39 -9.04
C ALA B 39 30.79 -9.79 -10.26
N HIS B 40 29.51 -9.39 -10.25
CA HIS B 40 28.60 -9.75 -11.34
C HIS B 40 27.86 -8.57 -11.91
N HIS B 41 28.60 -7.47 -12.10
CA HIS B 41 28.16 -6.31 -12.88
C HIS B 41 27.06 -5.45 -12.30
N THR B 42 26.89 -5.50 -10.98
CA THR B 42 26.10 -4.50 -10.28
C THR B 42 26.96 -3.24 -10.20
N ASP B 43 26.49 -2.16 -10.83
CA ASP B 43 27.25 -0.89 -10.84
C ASP B 43 26.61 0.19 -9.98
N GLY B 44 25.59 -0.20 -9.21
CA GLY B 44 24.86 0.69 -8.31
C GLY B 44 23.91 -0.15 -7.48
N ILE B 45 23.64 0.27 -6.26
CA ILE B 45 22.80 -0.53 -5.34
C ILE B 45 21.69 0.30 -4.69
N LEU B 46 20.45 -0.12 -4.91
CA LEU B 46 19.29 0.43 -4.22
C LEU B 46 19.00 -0.36 -2.95
N LEU B 47 19.03 0.33 -1.81
CA LEU B 47 18.71 -0.28 -0.54
C LEU B 47 17.32 0.12 -0.08
N ALA B 48 16.70 -0.76 0.70
CA ALA B 48 15.34 -0.55 1.24
C ALA B 48 14.29 -0.24 0.16
N GLY B 49 14.37 -0.95 -0.95
CA GLY B 49 13.34 -0.92 -1.99
C GLY B 49 12.31 -2.03 -1.76
N THR B 50 11.48 -2.27 -2.76
CA THR B 50 10.45 -3.32 -2.66
C THR B 50 11.11 -4.67 -2.40
N THR B 51 12.10 -4.99 -3.22
CA THR B 51 12.84 -6.25 -3.15
C THR B 51 13.48 -6.47 -1.76
N ALA B 52 13.81 -5.37 -1.07
CA ALA B 52 14.38 -5.45 0.27
C ALA B 52 13.35 -5.80 1.34
N GLU B 53 12.09 -5.96 0.93
CA GLU B 53 10.95 -6.11 1.86
C GLU B 53 10.88 -4.92 2.82
N SER B 54 11.05 -3.71 2.27
CA SER B 54 11.00 -2.49 3.08
C SER B 54 9.71 -2.29 3.90
N PRO B 55 8.55 -2.72 3.37
CA PRO B 55 7.33 -2.58 4.16
C PRO B 55 7.42 -3.24 5.54
N THR B 56 8.23 -4.30 5.64
CA THR B 56 8.41 -5.02 6.90
C THR B 56 9.61 -4.55 7.71
N LEU B 57 10.38 -3.60 7.17
CA LEU B 57 11.50 -3.02 7.90
C LEU B 57 11.08 -1.73 8.59
N THR B 58 11.54 -1.54 9.82
CA THR B 58 11.38 -0.26 10.49
C THR B 58 12.39 0.72 9.90
N HIS B 59 12.12 2.01 10.03
CA HIS B 59 13.07 3.04 9.58
C HIS B 59 14.41 2.89 10.23
N ASP B 60 14.41 2.54 11.52
CA ASP B 60 15.65 2.34 12.29
C ASP B 60 16.45 1.13 11.81
N GLU B 61 15.75 0.08 11.37
CA GLU B 61 16.41 -1.08 10.75
C GLU B 61 17.02 -0.72 9.41
N GLU B 62 16.34 0.13 8.66
CA GLU B 62 16.84 0.59 7.37
C GLU B 62 18.16 1.36 7.53
N LEU B 63 18.23 2.19 8.56
CA LEU B 63 19.45 2.94 8.88
C LEU B 63 20.62 2.02 9.23
N GLU B 64 20.33 0.94 9.96
CA GLU B 64 21.32 -0.09 10.28
C GLU B 64 21.79 -0.80 9.01
N LEU B 65 20.85 -1.09 8.12
CA LEU B 65 21.16 -1.70 6.83
C LEU B 65 22.02 -0.77 5.97
N PHE B 66 21.66 0.51 5.96
CA PHE B 66 22.43 1.54 5.24
C PHE B 66 23.88 1.57 5.72
N ALA B 67 24.07 1.49 7.04
CA ALA B 67 25.40 1.48 7.65
C ALA B 67 26.18 0.21 7.29
N ALA B 68 25.53 -0.94 7.42
CA ALA B 68 26.16 -2.23 7.13
C ALA B 68 26.63 -2.33 5.68
N VAL B 69 25.81 -1.86 4.75
CA VAL B 69 26.14 -1.90 3.32
C VAL B 69 27.23 -0.88 2.96
N GLN B 70 27.13 0.34 3.48
CA GLN B 70 28.14 1.38 3.23
C GLN B 70 29.55 0.95 3.67
N LYS B 71 29.60 0.23 4.79
CA LYS B 71 30.85 -0.31 5.32
C LYS B 71 31.49 -1.29 4.34
N VAL B 72 30.69 -2.16 3.74
CA VAL B 72 31.18 -3.14 2.77
C VAL B 72 31.49 -2.50 1.41
N VAL B 73 30.53 -1.76 0.87
CA VAL B 73 30.68 -1.14 -0.45
C VAL B 73 31.90 -0.20 -0.50
N ASN B 74 32.00 0.68 0.50
CA ASN B 74 33.15 1.58 0.65
C ASN B 74 33.39 2.48 -0.57
N GLY B 75 32.31 3.05 -1.09
CA GLY B 75 32.37 3.97 -2.22
C GLY B 75 32.68 3.37 -3.58
N ARG B 76 32.67 2.04 -3.67
CA ARG B 76 32.96 1.36 -4.94
C ARG B 76 31.88 1.61 -6.00
N VAL B 77 30.63 1.66 -5.55
CA VAL B 77 29.49 1.97 -6.41
C VAL B 77 28.52 2.92 -5.71
N PRO B 78 27.82 3.78 -6.47
CA PRO B 78 26.85 4.67 -5.85
C PRO B 78 25.66 3.91 -5.24
N LEU B 79 25.04 4.51 -4.23
CA LEU B 79 23.93 3.87 -3.53
C LEU B 79 22.70 4.77 -3.51
N ILE B 80 21.53 4.13 -3.66
CA ILE B 80 20.24 4.82 -3.55
C ILE B 80 19.49 4.26 -2.34
N ALA B 81 18.87 5.14 -1.57
CA ALA B 81 18.15 4.73 -0.38
C ALA B 81 16.64 4.85 -0.57
N GLY B 82 15.91 3.80 -0.19
CA GLY B 82 14.45 3.86 -0.12
C GLY B 82 14.02 4.74 1.04
N VAL B 83 13.38 5.86 0.73
CA VAL B 83 13.03 6.85 1.75
C VAL B 83 11.53 7.17 1.85
N GLY B 84 10.78 6.82 0.80
CA GLY B 84 9.37 7.19 0.72
C GLY B 84 8.40 6.12 1.18
N THR B 85 7.35 6.56 1.86
CA THR B 85 6.20 5.70 2.16
C THR B 85 4.94 6.36 1.59
N ASN B 86 3.77 5.89 1.99
CA ASN B 86 2.51 6.51 1.59
C ASN B 86 2.08 7.62 2.55
N ASP B 87 3.03 8.05 3.39
CA ASP B 87 2.82 9.10 4.38
C ASP B 87 3.87 10.17 4.10
N THR B 88 3.42 11.32 3.59
CA THR B 88 4.33 12.39 3.20
C THR B 88 5.21 12.88 4.37
N ARG B 89 4.60 13.12 5.53
CA ARG B 89 5.34 13.53 6.74
C ARG B 89 6.42 12.51 7.10
N ASP B 90 6.05 11.23 7.17
CA ASP B 90 7.01 10.15 7.43
C ASP B 90 8.17 10.17 6.43
N SER B 91 7.83 10.33 5.14
CA SER B 91 8.83 10.38 4.07
C SER B 91 9.76 11.57 4.22
N ILE B 92 9.19 12.72 4.61
CA ILE B 92 9.96 13.94 4.84
C ILE B 92 10.97 13.75 5.98
N GLU B 93 10.51 13.19 7.10
CA GLU B 93 11.36 13.00 8.27
C GLU B 93 12.47 11.98 8.01
N PHE B 94 12.14 10.91 7.29
CA PHE B 94 13.12 9.88 6.99
C PHE B 94 14.20 10.29 5.99
N VAL B 95 13.81 11.04 4.96
CA VAL B 95 14.78 11.52 3.96
C VAL B 95 15.76 12.53 4.59
N LYS B 96 15.27 13.28 5.56
CA LYS B 96 16.11 14.18 6.36
C LYS B 96 17.14 13.38 7.15
N GLU B 97 16.70 12.29 7.77
CA GLU B 97 17.61 11.41 8.51
C GLU B 97 18.65 10.75 7.60
N VAL B 98 18.22 10.36 6.39
CA VAL B 98 19.11 9.71 5.42
C VAL B 98 20.11 10.70 4.80
N ALA B 99 19.63 11.92 4.50
CA ALA B 99 20.51 12.99 4.00
C ALA B 99 21.56 13.33 5.05
N GLU B 100 21.14 13.34 6.32
CA GLU B 100 22.03 13.63 7.44
C GLU B 100 23.04 12.49 7.63
N PHE B 101 22.54 11.26 7.53
CA PHE B 101 23.38 10.06 7.61
C PHE B 101 24.43 10.02 6.49
N GLY B 102 24.04 10.50 5.31
CA GLY B 102 24.96 10.67 4.18
C GLY B 102 25.40 9.39 3.49
N GLY B 103 26.17 9.56 2.42
CA GLY B 103 26.73 8.44 1.67
C GLY B 103 25.89 8.00 0.49
N PHE B 104 24.69 8.57 0.36
CA PHE B 104 23.78 8.19 -0.72
C PHE B 104 23.77 9.19 -1.87
N ALA B 105 23.69 8.65 -3.08
CA ALA B 105 23.61 9.44 -4.30
C ALA B 105 22.19 9.94 -4.55
N ALA B 106 21.20 9.24 -3.98
CA ALA B 106 19.80 9.60 -4.16
C ALA B 106 18.89 8.88 -3.16
N GLY B 107 17.66 9.39 -3.05
CA GLY B 107 16.61 8.72 -2.30
C GLY B 107 15.50 8.31 -3.25
N LEU B 108 15.01 7.09 -3.09
CA LEU B 108 13.90 6.59 -3.89
C LEU B 108 12.59 6.77 -3.13
N ALA B 109 11.61 7.37 -3.80
CA ALA B 109 10.29 7.57 -3.22
C ALA B 109 9.22 7.02 -4.16
N ILE B 110 8.44 6.06 -3.65
CA ILE B 110 7.40 5.40 -4.42
C ILE B 110 6.12 6.23 -4.46
N VAL B 111 5.41 6.15 -5.59
CA VAL B 111 4.04 6.66 -5.66
C VAL B 111 3.26 6.03 -4.49
N PRO B 112 2.63 6.85 -3.64
CA PRO B 112 1.96 6.34 -2.44
C PRO B 112 0.98 5.21 -2.73
N TYR B 113 1.03 4.20 -1.87
CA TYR B 113 0.21 2.98 -2.01
C TYR B 113 -0.98 3.04 -1.08
N TYR B 114 -2.04 2.29 -1.43
CA TYR B 114 -3.23 2.12 -0.60
C TYR B 114 -4.18 3.33 -0.63
N ASN B 115 -3.66 4.52 -0.33
CA ASN B 115 -4.52 5.71 -0.27
C ASN B 115 -4.88 6.34 -1.62
N LYS B 116 -4.28 5.84 -2.70
CA LYS B 116 -4.65 6.24 -4.08
C LYS B 116 -4.83 7.76 -4.26
N PRO B 117 -3.71 8.52 -4.17
CA PRO B 117 -3.82 9.97 -4.33
C PRO B 117 -4.04 10.38 -5.78
N SER B 118 -4.57 11.59 -5.98
CA SER B 118 -4.73 12.17 -7.31
C SER B 118 -3.38 12.67 -7.80
N GLN B 119 -3.32 13.08 -9.08
CA GLN B 119 -2.09 13.64 -9.66
C GLN B 119 -1.54 14.79 -8.84
N GLU B 120 -2.43 15.68 -8.40
CA GLU B 120 -2.04 16.82 -7.59
C GLU B 120 -1.51 16.40 -6.21
N GLY B 121 -2.15 15.40 -5.60
CA GLY B 121 -1.68 14.83 -4.35
C GLY B 121 -0.27 14.27 -4.49
N MET B 122 -0.05 13.54 -5.59
CA MET B 122 1.27 12.99 -5.93
CA MET B 122 1.27 13.00 -5.91
C MET B 122 2.28 14.13 -6.07
N TYR B 123 1.88 15.16 -6.82
CA TYR B 123 2.75 16.30 -7.05
C TYR B 123 3.21 16.91 -5.72
N GLN B 124 2.26 17.22 -4.84
CA GLN B 124 2.57 17.84 -3.56
C GLN B 124 3.34 16.89 -2.63
N HIS B 125 3.11 15.59 -2.79
CA HIS B 125 3.85 14.56 -2.03
C HIS B 125 5.31 14.54 -2.39
N PHE B 126 5.61 14.47 -3.69
CA PHE B 126 6.99 14.40 -4.17
C PHE B 126 7.74 15.72 -4.07
N LYS B 127 7.00 16.84 -4.20
CA LYS B 127 7.59 18.16 -4.04
C LYS B 127 8.09 18.35 -2.61
N ALA B 128 7.29 17.93 -1.63
CA ALA B 128 7.62 18.02 -0.22
C ALA B 128 8.86 17.21 0.16
N ILE B 129 8.96 15.99 -0.41
CA ILE B 129 10.13 15.13 -0.19
C ILE B 129 11.38 15.73 -0.85
N ALA B 130 11.20 16.26 -2.07
CA ALA B 130 12.28 16.88 -2.82
C ALA B 130 12.75 18.20 -2.19
N ASP B 131 11.85 18.86 -1.47
CA ASP B 131 12.15 20.12 -0.77
C ASP B 131 12.81 19.88 0.59
N ALA B 132 12.69 18.66 1.10
CA ALA B 132 13.02 18.36 2.50
C ALA B 132 14.50 18.31 2.83
N SER B 133 15.32 17.86 1.89
CA SER B 133 16.72 17.59 2.20
C SER B 133 17.69 17.87 1.05
N ASP B 134 18.97 17.64 1.35
CA ASP B 134 20.09 17.79 0.43
C ASP B 134 20.15 16.61 -0.56
N LEU B 135 19.46 15.53 -0.23
CA LEU B 135 19.47 14.30 -1.03
C LEU B 135 18.48 14.35 -2.20
N PRO B 136 18.98 14.22 -3.45
CA PRO B 136 18.12 14.23 -4.64
C PRO B 136 17.19 13.00 -4.68
N ILE B 137 16.07 13.15 -5.38
CA ILE B 137 15.00 12.14 -5.33
C ILE B 137 14.77 11.48 -6.69
N ILE B 138 14.54 10.16 -6.64
CA ILE B 138 14.12 9.38 -7.80
C ILE B 138 12.69 8.89 -7.56
N ILE B 139 11.81 9.12 -8.52
CA ILE B 139 10.40 8.73 -8.39
C ILE B 139 10.20 7.28 -8.83
N TYR B 140 9.49 6.52 -8.00
CA TYR B 140 9.21 5.11 -8.27
C TYR B 140 7.74 4.96 -8.67
N ASN B 141 7.50 4.76 -9.96
CA ASN B 141 6.16 4.71 -10.54
C ASN B 141 5.80 3.28 -10.92
N ILE B 142 4.91 2.66 -10.13
CA ILE B 142 4.58 1.24 -10.30
C ILE B 142 3.12 0.94 -9.96
N PRO B 143 2.20 1.16 -10.93
CA PRO B 143 0.77 0.90 -10.75
C PRO B 143 0.45 -0.58 -10.46
N GLY B 144 1.34 -1.48 -10.87
CA GLY B 144 1.17 -2.91 -10.57
C GLY B 144 1.17 -3.22 -9.08
N ARG B 145 1.79 -2.35 -8.30
CA ARG B 145 1.87 -2.52 -6.85
C ARG B 145 1.07 -1.48 -6.06
N VAL B 146 0.85 -0.30 -6.64
CA VAL B 146 0.20 0.79 -5.88
C VAL B 146 -1.12 1.26 -6.50
N VAL B 147 -1.59 0.54 -7.52
CA VAL B 147 -2.84 0.83 -8.26
C VAL B 147 -2.73 2.10 -9.11
N VAL B 148 -2.60 3.26 -8.45
CA VAL B 148 -2.52 4.54 -9.16
C VAL B 148 -1.16 4.71 -9.83
N GLU B 149 -1.11 5.61 -10.81
CA GLU B 149 0.15 5.90 -11.50
C GLU B 149 0.29 7.37 -11.83
N LEU B 150 1.54 7.84 -11.87
CA LEU B 150 1.85 9.17 -12.35
C LEU B 150 1.71 9.20 -13.85
N THR B 151 0.92 10.14 -14.36
CA THR B 151 0.89 10.44 -15.78
C THR B 151 2.27 10.99 -16.14
N PRO B 152 2.72 10.79 -17.40
CA PRO B 152 3.96 11.42 -17.84
C PRO B 152 3.95 12.95 -17.68
N GLU B 153 2.77 13.57 -17.80
CA GLU B 153 2.62 15.02 -17.60
C GLU B 153 3.04 15.46 -16.20
N THR B 154 2.56 14.76 -15.18
CA THR B 154 2.88 15.07 -13.79
C THR B 154 4.34 14.70 -13.49
N MET B 155 4.81 13.61 -14.12
CA MET B 155 6.18 13.16 -13.97
C MET B 155 7.17 14.23 -14.43
N LEU B 156 6.92 14.80 -15.61
CA LEU B 156 7.81 15.80 -16.20
C LEU B 156 7.74 17.15 -15.48
N ARG B 157 6.60 17.43 -14.85
CA ARG B 157 6.46 18.59 -13.97
C ARG B 157 7.37 18.44 -12.76
N LEU B 158 7.42 17.23 -12.20
CA LEU B 158 8.28 16.93 -11.07
C LEU B 158 9.75 16.84 -11.49
N ALA B 159 9.98 16.37 -12.71
CA ALA B 159 11.32 16.27 -13.30
C ALA B 159 12.05 17.62 -13.36
N ASP B 160 11.26 18.70 -13.47
CA ASP B 160 11.79 20.06 -13.52
C ASP B 160 12.29 20.58 -12.17
N HIS B 161 11.95 19.88 -11.10
CA HIS B 161 12.47 20.18 -9.76
C HIS B 161 13.95 19.91 -9.73
N PRO B 162 14.75 20.87 -9.22
CA PRO B 162 16.21 20.74 -9.21
C PRO B 162 16.70 19.56 -8.37
N ASN B 163 15.86 19.09 -7.44
CA ASN B 163 16.21 18.00 -6.55
C ASN B 163 15.50 16.68 -6.87
N ILE B 164 14.88 16.60 -8.04
CA ILE B 164 14.38 15.34 -8.58
C ILE B 164 15.19 15.01 -9.83
N ILE B 165 15.92 13.90 -9.75
CA ILE B 165 16.93 13.57 -10.76
C ILE B 165 16.68 12.26 -11.49
N GLY B 166 15.55 11.62 -11.25
CA GLY B 166 15.27 10.35 -11.92
C GLY B 166 13.90 9.74 -11.72
N VAL B 167 13.65 8.66 -12.46
CA VAL B 167 12.45 7.84 -12.31
C VAL B 167 12.79 6.36 -12.48
N KPI B 168 12.20 5.54 -11.62
CA KPI B 168 12.19 4.08 -11.80
CB KPI B 168 12.46 3.41 -10.46
CG KPI B 168 12.46 1.88 -10.57
CD KPI B 168 12.63 1.24 -9.19
CE KPI B 168 12.47 -0.27 -9.27
NZ KPI B 168 12.52 -0.76 -7.89
CX1 KPI B 168 12.39 -1.95 -7.47
C1 KPI B 168 12.16 -3.07 -8.46
CX2 KPI B 168 12.47 -2.20 -6.04
O1 KPI B 168 12.20 -1.28 -5.23
O2 KPI B 168 12.79 -3.35 -5.62
C KPI B 168 10.80 3.81 -12.32
O KPI B 168 9.86 3.71 -11.54
N GLU B 169 10.69 3.69 -13.63
CA GLU B 169 9.41 3.58 -14.32
C GLU B 169 8.99 2.11 -14.57
N CYS B 170 7.83 1.75 -14.03
CA CYS B 170 7.25 0.42 -14.24
C CYS B 170 5.84 0.54 -14.79
N THR B 171 5.72 1.09 -15.99
CA THR B 171 4.43 1.16 -16.67
C THR B 171 4.56 0.50 -18.05
N SER B 172 4.45 1.30 -19.10
CA SER B 172 4.51 0.80 -20.47
C SER B 172 5.73 1.36 -21.19
N LEU B 173 6.12 0.69 -22.27
CA LEU B 173 7.22 1.16 -23.11
C LEU B 173 6.83 2.41 -23.91
N ALA B 174 5.54 2.58 -24.16
CA ALA B 174 5.01 3.80 -24.78
C ALA B 174 5.26 5.00 -23.86
N ASN B 175 4.95 4.84 -22.58
CA ASN B 175 5.22 5.84 -21.56
C ASN B 175 6.72 6.08 -21.41
N MET B 176 7.49 5.00 -21.43
CA MET B 176 8.95 5.04 -21.36
C MET B 176 9.53 5.92 -22.48
N ALA B 177 9.06 5.70 -23.70
CA ALA B 177 9.52 6.46 -24.86
C ALA B 177 9.22 7.95 -24.73
N TYR B 178 8.02 8.27 -24.25
CA TYR B 178 7.61 9.66 -24.06
C TYR B 178 8.48 10.40 -23.06
N LEU B 179 8.82 9.73 -21.96
CA LEU B 179 9.68 10.31 -20.93
C LEU B 179 11.10 10.52 -21.43
N ILE B 180 11.64 9.55 -22.17
CA ILE B 180 12.98 9.66 -22.77
C ILE B 180 13.01 10.84 -23.74
N GLU B 181 11.95 10.98 -24.52
CA GLU B 181 11.83 12.03 -25.52
C GLU B 181 11.81 13.44 -24.93
N HIS B 182 11.04 13.61 -23.85
CA HIS B 182 10.77 14.94 -23.31
C HIS B 182 11.42 15.21 -21.99
N LYS B 183 12.36 14.36 -21.61
CA LYS B 183 13.07 14.51 -20.35
C LYS B 183 13.80 15.84 -20.28
N PRO B 184 13.83 16.48 -19.10
CA PRO B 184 14.69 17.66 -18.96
C PRO B 184 16.14 17.19 -18.79
N GLU B 185 17.05 18.14 -18.61
CA GLU B 185 18.46 17.80 -18.37
C GLU B 185 18.64 17.18 -16.98
N GLU B 186 19.75 16.47 -16.80
CA GLU B 186 20.13 15.88 -15.52
C GLU B 186 18.99 15.09 -14.87
N PHE B 187 18.33 14.27 -15.67
CA PHE B 187 17.21 13.45 -15.21
C PHE B 187 17.35 12.05 -15.80
N LEU B 188 17.38 11.05 -14.92
CA LEU B 188 17.66 9.68 -15.32
C LEU B 188 16.38 8.86 -15.45
N ILE B 189 16.30 8.03 -16.48
CA ILE B 189 15.15 7.15 -16.67
C ILE B 189 15.58 5.69 -16.61
N TYR B 190 15.12 5.02 -15.56
CA TYR B 190 15.37 3.60 -15.37
C TYR B 190 14.07 2.84 -15.49
N THR B 191 14.13 1.66 -16.09
CA THR B 191 13.03 0.71 -15.99
C THR B 191 13.21 -0.12 -14.72
N GLY B 192 12.10 -0.43 -14.06
CA GLY B 192 12.11 -1.34 -12.91
C GLY B 192 11.60 -2.71 -13.30
N GLU B 193 11.47 -2.93 -14.61
CA GLU B 193 10.97 -4.19 -15.16
C GLU B 193 12.09 -4.93 -15.89
N ASP B 194 12.60 -5.98 -15.26
CA ASP B 194 13.69 -6.78 -15.81
C ASP B 194 13.39 -7.35 -17.19
N GLY B 195 12.13 -7.72 -17.42
CA GLY B 195 11.68 -8.25 -18.71
C GLY B 195 11.67 -7.20 -19.82
N ASP B 196 11.62 -5.93 -19.43
CA ASP B 196 11.56 -4.82 -20.38
C ASP B 196 12.90 -4.14 -20.67
N ALA B 197 13.92 -4.48 -19.87
CA ALA B 197 15.21 -3.79 -19.92
C ALA B 197 15.81 -3.72 -21.33
N PHE B 198 15.82 -4.85 -22.04
CA PHE B 198 16.24 -4.90 -23.44
C PHE B 198 15.57 -3.80 -24.26
N HIS B 199 14.25 -3.73 -24.17
CA HIS B 199 13.45 -2.75 -24.91
C HIS B 199 13.70 -1.35 -24.43
N ALA B 200 13.79 -1.19 -23.12
CA ALA B 200 14.02 0.12 -22.52
C ALA B 200 15.36 0.72 -22.95
N MET B 201 16.41 -0.09 -22.94
CA MET B 201 17.75 0.34 -23.36
C MET B 201 17.82 0.69 -24.85
N ASN B 202 17.15 -0.11 -25.68
CA ASN B 202 17.04 0.21 -27.11
C ASN B 202 16.33 1.54 -27.34
N LEU B 203 15.37 1.84 -26.47
CA LEU B 203 14.55 3.04 -26.56
C LEU B 203 15.33 4.29 -26.14
N GLY B 204 16.38 4.07 -25.34
CA GLY B 204 17.24 5.17 -24.90
C GLY B 204 17.25 5.41 -23.40
N ALA B 205 16.75 4.44 -22.63
CA ALA B 205 16.77 4.52 -21.16
C ALA B 205 18.19 4.42 -20.61
N ASP B 206 18.37 4.85 -19.37
CA ASP B 206 19.68 4.91 -18.73
C ASP B 206 20.12 3.63 -18.06
N GLY B 207 19.16 2.77 -17.73
CA GLY B 207 19.47 1.48 -17.14
C GLY B 207 18.27 0.79 -16.54
N VAL B 208 18.56 -0.23 -15.73
CA VAL B 208 17.54 -1.01 -15.04
C VAL B 208 17.81 -1.02 -13.54
N ILE B 209 16.75 -0.85 -12.75
CA ILE B 209 16.80 -1.13 -11.32
C ILE B 209 16.21 -2.53 -11.14
N SER B 210 17.09 -3.48 -10.83
CA SER B 210 16.85 -4.89 -11.09
C SER B 210 16.72 -5.79 -9.86
N VAL B 211 15.93 -6.85 -10.04
CA VAL B 211 15.87 -7.97 -9.09
C VAL B 211 16.75 -9.07 -9.64
N ALA B 212 16.63 -9.30 -10.95
CA ALA B 212 17.28 -10.41 -11.65
C ALA B 212 18.81 -10.30 -11.68
N SER B 213 19.34 -9.11 -11.41
CA SER B 213 20.79 -8.92 -11.35
C SER B 213 21.43 -9.63 -10.16
N HIS B 214 20.62 -10.03 -9.19
CA HIS B 214 21.07 -10.87 -8.08
C HIS B 214 21.63 -12.19 -8.57
N THR B 215 20.97 -12.77 -9.57
CA THR B 215 21.23 -14.14 -9.98
C THR B 215 21.64 -14.30 -11.44
N ASN B 216 21.34 -13.28 -12.26
CA ASN B 216 21.64 -13.30 -13.68
C ASN B 216 22.38 -12.05 -14.15
N GLY B 217 23.23 -11.53 -13.27
CA GLY B 217 24.02 -10.32 -13.56
C GLY B 217 24.85 -10.39 -14.82
N ASP B 218 25.47 -11.54 -15.07
CA ASP B 218 26.36 -11.72 -16.22
C ASP B 218 25.66 -11.60 -17.57
N GLU B 219 24.52 -12.28 -17.72
CA GLU B 219 23.81 -12.29 -18.99
C GLU B 219 23.11 -10.97 -19.28
N MET B 220 22.74 -10.25 -18.23
CA MET B 220 22.20 -8.90 -18.38
C MET B 220 23.27 -7.96 -18.91
N HIS B 221 24.47 -8.05 -18.34
CA HIS B 221 25.63 -7.29 -18.80
C HIS B 221 25.99 -7.67 -20.21
N GLU B 222 25.97 -8.98 -20.50
CA GLU B 222 26.16 -9.50 -21.86
C GLU B 222 25.21 -8.85 -22.86
N MET B 223 23.94 -8.79 -22.47
CA MET B 223 22.88 -8.21 -23.30
C MET B 223 23.10 -6.71 -23.50
N PHE B 224 23.37 -6.01 -22.40
CA PHE B 224 23.62 -4.56 -22.42
C PHE B 224 24.86 -4.21 -23.23
N THR B 225 25.91 -5.01 -23.10
CA THR B 225 27.15 -4.84 -23.86
C THR B 225 26.89 -5.03 -25.36
N ALA B 226 26.09 -6.05 -25.70
CA ALA B 226 25.71 -6.32 -27.09
C ALA B 226 24.93 -5.16 -27.71
N ILE B 227 23.99 -4.60 -26.93
CA ILE B 227 23.23 -3.42 -27.36
C ILE B 227 24.17 -2.25 -27.63
N ALA B 228 25.05 -1.98 -26.66
CA ALA B 228 26.01 -0.88 -26.74
C ALA B 228 27.07 -1.08 -27.84
N GLU B 229 27.36 -2.34 -28.18
CA GLU B 229 28.34 -2.65 -29.22
C GLU B 229 27.69 -3.04 -30.56
N SER B 230 26.42 -2.66 -30.71
CA SER B 230 25.68 -2.81 -31.97
C SER B 230 25.56 -4.26 -32.49
N ASP B 231 25.54 -5.21 -31.57
CA ASP B 231 25.30 -6.61 -31.89
C ASP B 231 23.89 -6.97 -31.42
N MET B 232 22.89 -6.50 -32.18
CA MET B 232 21.49 -6.64 -31.80
C MET B 232 20.98 -8.08 -31.84
N LYS B 233 21.57 -8.89 -32.72
CA LYS B 233 21.23 -10.32 -32.81
C LYS B 233 21.58 -11.04 -31.51
N LYS B 234 22.77 -10.76 -30.99
CA LYS B 234 23.20 -11.33 -29.72
C LYS B 234 22.31 -10.85 -28.57
N ALA B 235 22.02 -9.55 -28.53
CA ALA B 235 21.18 -8.97 -27.49
C ALA B 235 19.77 -9.55 -27.46
N ALA B 236 19.18 -9.72 -28.65
CA ALA B 236 17.85 -10.30 -28.80
C ALA B 236 17.80 -11.76 -28.36
N ALA B 237 18.80 -12.53 -28.80
CA ALA B 237 18.94 -13.93 -28.42
C ALA B 237 18.96 -14.10 -26.90
N ILE B 238 19.74 -13.26 -26.21
CA ILE B 238 19.78 -13.27 -24.75
C ILE B 238 18.41 -12.89 -24.17
N GLN B 239 17.84 -11.79 -24.66
CA GLN B 239 16.53 -11.31 -24.20
C GLN B 239 15.43 -12.38 -24.27
N ARG B 240 15.34 -13.06 -25.41
CA ARG B 240 14.33 -14.11 -25.60
C ARG B 240 14.48 -15.22 -24.55
N LYS B 241 15.72 -15.59 -24.24
CA LYS B 241 15.99 -16.58 -23.20
C LYS B 241 15.89 -16.02 -21.77
N PHE B 242 16.00 -14.70 -21.64
CA PHE B 242 15.95 -14.02 -20.35
C PHE B 242 14.53 -13.95 -19.79
N ILE B 243 13.56 -13.72 -20.66
CA ILE B 243 12.15 -13.55 -20.28
C ILE B 243 11.59 -14.66 -19.37
N PRO B 244 11.76 -15.96 -19.74
CA PRO B 244 11.21 -16.97 -18.83
C PRO B 244 11.91 -17.03 -17.47
N LYS B 245 13.16 -16.56 -17.42
CA LYS B 245 13.90 -16.49 -16.16
C LYS B 245 13.34 -15.39 -15.27
N VAL B 246 13.10 -14.23 -15.86
CA VAL B 246 12.41 -13.13 -15.18
C VAL B 246 11.06 -13.61 -14.66
N ASN B 247 10.28 -14.26 -15.54
CA ASN B 247 8.95 -14.78 -15.18
C ASN B 247 8.99 -15.72 -13.97
N ALA B 248 10.02 -16.55 -13.90
CA ALA B 248 10.20 -17.47 -12.77
C ALA B 248 10.49 -16.71 -11.47
N LEU B 249 11.25 -15.61 -11.59
CA LEU B 249 11.61 -14.77 -10.44
C LEU B 249 10.40 -14.03 -9.84
N PHE B 250 9.28 -14.02 -10.57
CA PHE B 250 8.05 -13.40 -10.10
C PHE B 250 6.86 -14.37 -10.11
N SER B 251 7.16 -15.66 -10.22
CA SER B 251 6.14 -16.73 -10.25
C SER B 251 5.58 -17.05 -8.86
N TYR B 252 6.22 -16.47 -7.85
CA TYR B 252 5.69 -16.40 -6.49
C TYR B 252 6.06 -14.99 -6.01
N PRO B 253 5.27 -14.40 -5.07
CA PRO B 253 5.55 -13.01 -4.70
C PRO B 253 7.01 -12.72 -4.33
N SER B 254 7.63 -11.85 -5.13
CA SER B 254 9.01 -11.41 -4.90
C SER B 254 9.13 -10.72 -3.54
N PRO B 255 10.27 -10.92 -2.83
CA PRO B 255 11.51 -11.59 -3.26
C PRO B 255 11.64 -13.07 -2.88
N ALA B 256 10.52 -13.76 -2.63
CA ALA B 256 10.59 -15.19 -2.31
C ALA B 256 11.41 -16.01 -3.32
N PRO B 257 11.11 -15.89 -4.64
CA PRO B 257 11.91 -16.64 -5.63
C PRO B 257 13.40 -16.30 -5.65
N VAL B 258 13.75 -15.02 -5.68
CA VAL B 258 15.17 -14.63 -5.68
C VAL B 258 15.90 -15.10 -4.40
N LYS B 259 15.20 -15.07 -3.26
CA LYS B 259 15.78 -15.55 -2.00
C LYS B 259 16.03 -17.05 -2.04
N ALA B 260 15.10 -17.79 -2.65
CA ALA B 260 15.22 -19.25 -2.79
C ALA B 260 16.45 -19.63 -3.62
N ILE B 261 16.70 -18.91 -4.70
CA ILE B 261 17.87 -19.15 -5.54
C ILE B 261 19.15 -18.76 -4.80
N LEU B 262 19.12 -17.62 -4.13
CA LEU B 262 20.27 -17.16 -3.35
C LEU B 262 20.61 -18.09 -2.18
N ASN B 263 19.58 -18.67 -1.57
CA ASN B 263 19.76 -19.70 -0.54
C ASN B 263 20.40 -20.96 -1.12
N TYR B 264 20.00 -21.32 -2.33
CA TYR B 264 20.58 -22.45 -3.06
C TYR B 264 22.03 -22.20 -3.47
N MET B 265 22.32 -20.95 -3.84
CA MET B 265 23.69 -20.54 -4.18
C MET B 265 24.59 -20.48 -2.94
N GLY B 266 23.97 -20.54 -1.76
CA GLY B 266 24.69 -20.59 -0.48
C GLY B 266 24.88 -19.24 0.17
N PHE B 267 24.06 -18.26 -0.19
CA PHE B 267 24.22 -16.89 0.30
C PHE B 267 23.38 -16.52 1.52
N GLU B 268 22.72 -17.50 2.11
CA GLU B 268 21.94 -17.30 3.35
C GLU B 268 21.01 -16.07 3.31
N ALA B 269 20.24 -15.96 2.23
CA ALA B 269 19.21 -14.93 2.09
C ALA B 269 18.13 -15.13 3.14
N GLY B 270 17.90 -16.38 3.50
CA GLY B 270 16.95 -16.74 4.56
C GLY B 270 15.50 -16.65 4.10
N PRO B 271 14.57 -16.68 5.06
CA PRO B 271 13.14 -16.57 4.76
C PRO B 271 12.69 -15.13 4.51
N THR B 272 11.39 -14.97 4.23
CA THR B 272 10.79 -13.64 4.08
C THR B 272 10.05 -13.28 5.36
N ARG B 273 9.96 -11.99 5.65
CA ARG B 273 9.14 -11.54 6.78
C ARG B 273 7.67 -11.52 6.38
N LEU B 274 6.81 -11.94 7.29
CA LEU B 274 5.36 -11.89 7.09
C LEU B 274 4.90 -10.44 6.85
N PRO B 275 3.89 -10.22 5.99
CA PRO B 275 2.96 -11.17 5.36
C PRO B 275 3.50 -11.98 4.19
N LEU B 276 4.75 -11.78 3.80
CA LEU B 276 5.34 -12.61 2.75
C LEU B 276 5.82 -13.94 3.30
N VAL B 277 5.62 -15.00 2.52
CA VAL B 277 6.10 -16.34 2.88
C VAL B 277 7.09 -16.82 1.83
N PRO B 278 8.03 -17.70 2.23
CA PRO B 278 8.95 -18.31 1.27
C PRO B 278 8.19 -19.09 0.20
N ALA B 279 8.82 -19.25 -0.96
CA ALA B 279 8.27 -20.05 -2.04
C ALA B 279 8.13 -21.51 -1.60
N PRO B 280 7.03 -22.17 -1.99
CA PRO B 280 6.85 -23.60 -1.68
C PRO B 280 7.90 -24.45 -2.37
N GLU B 281 8.29 -25.55 -1.72
CA GLU B 281 9.35 -26.44 -2.22
C GLU B 281 9.21 -26.86 -3.69
N GLU B 282 7.97 -27.10 -4.12
CA GLU B 282 7.67 -27.48 -5.50
C GLU B 282 8.03 -26.36 -6.48
N ASP B 283 7.70 -25.13 -6.09
CA ASP B 283 8.03 -23.95 -6.90
C ASP B 283 9.54 -23.71 -6.92
N VAL B 284 10.17 -23.89 -5.76
CA VAL B 284 11.62 -23.68 -5.59
C VAL B 284 12.45 -24.53 -6.57
N LYS B 285 12.07 -25.79 -6.73
CA LYS B 285 12.74 -26.71 -7.67
C LYS B 285 12.65 -26.19 -9.11
N ARG B 286 11.45 -25.84 -9.54
CA ARG B 286 11.22 -25.29 -10.88
C ARG B 286 11.94 -23.94 -11.07
N ILE B 287 11.79 -23.04 -10.10
CA ILE B 287 12.40 -21.71 -10.17
C ILE B 287 13.91 -21.78 -10.37
N ILE B 288 14.58 -22.61 -9.57
CA ILE B 288 16.03 -22.78 -9.64
C ILE B 288 16.46 -23.35 -10.99
N LYS B 289 15.68 -24.30 -11.51
CA LYS B 289 15.93 -24.90 -12.81
C LYS B 289 15.83 -23.89 -13.96
N VAL B 290 14.83 -23.02 -13.91
CA VAL B 290 14.56 -22.07 -15.00
C VAL B 290 15.55 -20.89 -14.98
N VAL B 291 15.82 -20.38 -13.78
CA VAL B 291 16.59 -19.15 -13.63
C VAL B 291 18.10 -19.39 -13.74
N VAL B 292 18.63 -20.36 -13.01
CA VAL B 292 20.08 -20.60 -12.96
C VAL B 292 20.52 -22.00 -13.39
N ASP B 293 19.59 -22.77 -13.97
CA ASP B 293 19.87 -24.13 -14.46
C ASP B 293 20.43 -25.07 -13.38
N GLY B 294 20.05 -24.81 -12.13
CA GLY B 294 20.50 -25.65 -11.01
C GLY B 294 19.53 -26.79 -10.74
N ASP B 295 20.05 -27.86 -10.13
CA ASP B 295 19.23 -28.98 -9.69
C ASP B 295 19.06 -28.93 -8.18
N TYR B 296 17.84 -28.60 -7.75
CA TYR B 296 17.52 -28.46 -6.34
C TYR B 296 17.05 -29.78 -5.73
N GLU B 297 17.43 -30.02 -4.47
CA GLU B 297 17.12 -31.27 -3.78
C GLU B 297 16.09 -31.07 -2.65
N ALA B 298 16.35 -31.69 -1.49
CA ALA B 298 15.42 -31.61 -0.36
C ALA B 298 16.15 -31.66 0.98
N THR B 302 4.45 -27.23 3.83
CA THR B 302 4.15 -25.91 4.40
C THR B 302 5.41 -25.04 4.50
N VAL B 303 5.22 -23.74 4.37
CA VAL B 303 6.31 -22.76 4.47
C VAL B 303 6.03 -21.79 5.62
N THR B 304 7.08 -21.12 6.10
CA THR B 304 6.94 -20.22 7.25
C THR B 304 7.56 -18.86 7.00
N GLY B 305 6.72 -17.82 7.00
CA GLY B 305 7.20 -16.44 7.01
C GLY B 305 7.55 -16.05 8.42
N VAL B 306 8.52 -15.15 8.58
CA VAL B 306 9.05 -14.81 9.90
C VAL B 306 8.60 -13.43 10.38
N LEU B 307 8.90 -13.13 11.65
CA LEU B 307 8.53 -11.87 12.26
C LEU B 307 9.73 -11.20 12.92
N ARG B 308 9.85 -9.89 12.72
CA ARG B 308 10.84 -9.09 13.45
C ARG B 308 10.62 -9.27 14.94
N PRO B 309 11.67 -9.69 15.68
CA PRO B 309 11.61 -9.92 17.12
C PRO B 309 10.94 -8.79 17.88
N ASP B 310 10.03 -9.13 18.79
CA ASP B 310 9.31 -8.16 19.60
C ASP B 310 9.96 -7.98 20.98
N TYR B 311 11.28 -8.15 21.02
CA TYR B 311 12.04 -8.07 22.26
C TYR B 311 13.39 -7.39 22.04
N LYS C . 1.86 4.82 6.55
CA LYS C . 2.11 3.40 6.98
C LYS C . 1.17 2.43 6.28
O LYS C . 0.21 2.84 5.63
CB LYS C . 2.01 3.28 8.51
CG LYS C . 0.60 3.34 9.06
CD LYS C . 0.61 3.44 10.58
CE LYS C . -0.76 3.16 11.16
NZ LYS C . -1.81 4.10 10.69
OXT LYS C . 1.36 1.22 6.36
NA NA D . -14.49 -17.45 13.06
N LYS E . 4.93 -0.96 6.89
CA LYS E . 4.74 0.51 6.60
C LYS E . 4.57 0.77 5.11
O LYS E . 4.30 1.90 4.69
CB LYS E . 5.92 1.32 7.17
CG LYS E . 7.22 1.24 6.40
CD LYS E . 8.36 1.88 7.17
CE LYS E . 9.61 2.08 6.31
NZ LYS E . 10.14 0.81 5.74
OXT LYS E . 4.69 -0.14 4.27
NA NA F . 15.05 17.68 -11.94
#